data_4Z48
#
_entry.id   4Z48
#
_cell.length_a   42.400
_cell.length_b   56.340
_cell.length_c   65.560
_cell.angle_alpha   100.710
_cell.angle_beta   97.040
_cell.angle_gamma   109.010
#
_symmetry.space_group_name_H-M   'P 1'
#
loop_
_entity.id
_entity.type
_entity.pdbx_description
1 polymer 'Uncharacterized protein'
2 non-polymer 'IODIDE ION'
3 non-polymer 'CHLORIDE ION'
4 non-polymer 'PENTAETHYLENE GLYCOL'
5 non-polymer 'SODIUM ION'
6 water water
#
_entity_poly.entity_id   1
_entity_poly.type   'polypeptide(L)'
_entity_poly.pdbx_seq_one_letter_code
;GAPAITDPVKAGYDLAVR(MSE)DQVDTSQDSYSEAV(MSE)SINRGGKVLTRSFKTYSKHFGKDGKDEYSLIVFDRPAD
VNGTKYLVWSYRGLEQDDD(MSE)WVYLPAESLVRRISGSSKFASF(MSE)RSDLSNEDIQNLDDVDEYDYLLQGEENVD
GIDCYILERTPKKGKETQYSRQVQWVRKDTLLRLRADYYDKKDRLVKKLFFSRQEKIDGIWTVTQ(MSE)RVERPREGSF
TVIDWSNLRYDVGLSDAYFEHSALQR
;
_entity_poly.pdbx_strand_id   A,B
#
# COMPACT_ATOMS: atom_id res chain seq x y z
N THR A 6 18.55 -7.48 42.65
CA THR A 6 18.33 -7.67 41.21
C THR A 6 19.41 -6.96 40.39
N ASP A 7 19.97 -7.66 39.39
CA ASP A 7 21.01 -7.11 38.52
C ASP A 7 20.33 -6.56 37.25
N PRO A 8 20.30 -5.22 37.04
CA PRO A 8 19.59 -4.66 35.88
C PRO A 8 20.28 -4.92 34.53
N VAL A 9 21.58 -5.26 34.55
CA VAL A 9 22.39 -5.59 33.36
C VAL A 9 21.99 -7.01 32.89
N LYS A 10 22.00 -7.98 33.81
CA LYS A 10 21.60 -9.36 33.52
C LYS A 10 20.09 -9.39 33.17
N ALA A 11 19.24 -8.66 33.91
CA ALA A 11 17.79 -8.60 33.62
C ALA A 11 17.54 -7.99 32.22
N GLY A 12 18.34 -7.02 31.82
CA GLY A 12 18.23 -6.37 30.52
C GLY A 12 18.55 -7.38 29.43
N TYR A 13 19.64 -8.17 29.64
CA TYR A 13 20.05 -9.21 28.67
C TYR A 13 18.96 -10.30 28.58
N ASP A 14 18.41 -10.75 29.73
CA ASP A 14 17.40 -11.81 29.77
C ASP A 14 16.13 -11.40 28.98
N LEU A 15 15.72 -10.12 29.10
CA LEU A 15 14.60 -9.56 28.34
C LEU A 15 14.91 -9.56 26.84
N ALA A 16 16.11 -9.07 26.46
CA ALA A 16 16.55 -9.05 25.06
C ALA A 16 16.46 -10.45 24.44
N VAL A 17 16.81 -11.51 25.21
CA VAL A 17 16.77 -12.91 24.79
C VAL A 17 15.30 -13.33 24.53
N ARG A 18 14.39 -13.03 25.47
CA ARG A 18 12.95 -13.31 25.33
C ARG A 18 12.36 -12.64 24.09
N ASP A 20 13.99 -11.88 21.37
CA ASP A 20 14.57 -12.56 20.22
C ASP A 20 13.82 -13.91 19.96
N GLN A 21 13.09 -14.42 20.95
CA GLN A 21 12.32 -15.68 20.79
C GLN A 21 10.93 -15.46 20.16
N VAL A 22 10.47 -14.20 20.00
CA VAL A 22 9.13 -13.89 19.41
C VAL A 22 9.01 -14.45 17.97
N ASP A 23 10.01 -14.21 17.14
CA ASP A 23 9.99 -14.67 15.74
C ASP A 23 10.38 -16.16 15.63
N THR A 24 9.37 -17.06 15.59
CA THR A 24 9.56 -18.51 15.54
C THR A 24 9.56 -19.04 14.08
N SER A 25 9.44 -18.12 13.13
CA SER A 25 9.34 -18.45 11.70
C SER A 25 10.67 -18.87 11.08
N GLN A 26 10.59 -19.57 9.92
CA GLN A 26 11.76 -19.97 9.12
C GLN A 26 11.88 -19.06 7.91
N ASP A 27 10.76 -18.50 7.42
CA ASP A 27 10.79 -17.56 6.31
C ASP A 27 9.57 -16.65 6.38
N SER A 28 9.59 -15.56 5.64
CA SER A 28 8.46 -14.63 5.57
C SER A 28 8.46 -13.83 4.28
N TYR A 29 7.27 -13.34 3.95
CA TYR A 29 7.01 -12.50 2.81
C TYR A 29 6.17 -11.34 3.26
N SER A 30 6.45 -10.12 2.77
CA SER A 30 5.57 -8.98 3.02
C SER A 30 5.65 -7.96 1.90
N GLU A 31 4.66 -7.09 1.88
CA GLU A 31 4.55 -5.95 0.98
C GLU A 31 4.52 -4.68 1.83
N ALA A 32 5.16 -3.63 1.36
CA ALA A 32 5.19 -2.38 2.13
C ALA A 32 5.11 -1.17 1.23
N VAL A 33 4.58 -0.07 1.78
CA VAL A 33 4.58 1.25 1.17
C VAL A 33 5.27 2.18 2.19
N SER A 35 6.43 6.24 2.90
CA SER A 35 6.22 7.63 2.57
C SER A 35 7.23 8.49 3.39
N ILE A 36 8.10 9.20 2.69
CA ILE A 36 9.14 10.05 3.25
C ILE A 36 8.74 11.51 3.12
N ASN A 37 8.65 12.22 4.27
CA ASN A 37 8.25 13.63 4.26
C ASN A 37 9.40 14.53 4.68
N ARG A 38 9.74 15.47 3.83
CA ARG A 38 10.82 16.41 4.09
C ARG A 38 10.40 17.82 3.63
N GLY A 39 10.01 18.67 4.58
CA GLY A 39 9.56 20.03 4.31
C GLY A 39 8.31 20.14 3.44
N GLY A 40 7.39 19.19 3.59
CA GLY A 40 6.16 19.13 2.79
C GLY A 40 6.32 18.35 1.50
N LYS A 41 7.58 18.14 1.07
CA LYS A 41 7.92 17.34 -0.11
C LYS A 41 7.83 15.89 0.31
N VAL A 42 7.22 15.06 -0.53
CA VAL A 42 7.02 13.65 -0.21
C VAL A 42 7.62 12.75 -1.30
N LEU A 43 8.37 11.72 -0.88
CA LEU A 43 8.90 10.65 -1.72
C LEU A 43 8.19 9.39 -1.30
N THR A 44 7.93 8.52 -2.22
CA THR A 44 7.23 7.28 -1.89
C THR A 44 7.96 6.13 -2.52
N ARG A 45 7.86 4.97 -1.89
CA ARG A 45 8.44 3.72 -2.35
C ARG A 45 7.50 2.59 -2.03
N SER A 46 7.39 1.62 -2.93
CA SER A 46 6.63 0.38 -2.74
C SER A 46 7.62 -0.73 -2.87
N PHE A 47 7.60 -1.71 -1.96
CA PHE A 47 8.54 -2.82 -2.05
C PHE A 47 7.99 -4.13 -1.48
N LYS A 48 8.60 -5.25 -1.88
CA LYS A 48 8.32 -6.57 -1.34
C LYS A 48 9.58 -7.04 -0.62
N THR A 49 9.43 -7.70 0.54
CA THR A 49 10.54 -8.24 1.29
C THR A 49 10.42 -9.75 1.38
N TYR A 50 11.49 -10.46 1.06
CA TYR A 50 11.58 -11.93 1.21
C TYR A 50 12.64 -12.21 2.27
N SER A 51 12.37 -13.11 3.25
CA SER A 51 13.37 -13.43 4.27
C SER A 51 13.37 -14.88 4.56
N LYS A 52 14.53 -15.45 4.92
CA LYS A 52 14.66 -16.85 5.23
C LYS A 52 15.85 -17.05 6.14
N HIS A 53 15.67 -17.91 7.17
CA HIS A 53 16.72 -18.27 8.12
C HIS A 53 17.70 -19.22 7.49
N PHE A 54 18.99 -19.06 7.84
CA PHE A 54 20.13 -19.83 7.34
C PHE A 54 21.11 -20.09 8.47
N GLY A 55 22.11 -20.94 8.22
CA GLY A 55 23.15 -21.25 9.18
C GLY A 55 22.99 -22.56 9.92
N LYS A 56 24.08 -22.95 10.63
CA LYS A 56 24.21 -24.17 11.43
C LYS A 56 23.03 -24.39 12.37
N ASP A 57 22.55 -23.31 13.03
CA ASP A 57 21.43 -23.37 13.96
C ASP A 57 20.22 -22.56 13.44
N GLY A 58 20.25 -22.20 12.16
CA GLY A 58 19.22 -21.39 11.51
C GLY A 58 19.08 -20.02 12.16
N LYS A 59 20.20 -19.47 12.69
CA LYS A 59 20.21 -18.19 13.41
C LYS A 59 20.62 -17.02 12.48
N ASP A 60 21.17 -17.34 11.31
CA ASP A 60 21.47 -16.28 10.32
C ASP A 60 20.19 -15.96 9.56
N GLU A 61 20.03 -14.71 9.14
CA GLU A 61 18.83 -14.28 8.43
C GLU A 61 19.20 -13.66 7.08
N TYR A 62 18.67 -14.22 5.96
CA TYR A 62 18.92 -13.61 4.65
C TYR A 62 17.65 -12.90 4.21
N SER A 63 17.81 -11.70 3.61
CA SER A 63 16.69 -10.90 3.14
C SER A 63 16.92 -10.39 1.71
N LEU A 64 15.84 -10.30 0.92
CA LEU A 64 15.82 -9.71 -0.42
C LEU A 64 14.69 -8.67 -0.44
N ILE A 65 15.05 -7.41 -0.71
CA ILE A 65 14.10 -6.29 -0.78
C ILE A 65 14.01 -5.88 -2.24
N VAL A 66 12.81 -5.98 -2.85
CA VAL A 66 12.60 -5.66 -4.26
C VAL A 66 11.64 -4.48 -4.39
N PHE A 67 12.11 -3.34 -4.92
CA PHE A 67 11.27 -2.15 -5.15
C PHE A 67 10.52 -2.27 -6.47
N ASP A 68 9.26 -1.86 -6.48
CA ASP A 68 8.54 -1.96 -7.75
C ASP A 68 8.03 -0.61 -8.24
N ARG A 69 7.79 0.35 -7.31
CA ARG A 69 7.22 1.67 -7.62
C ARG A 69 7.83 2.76 -6.73
N PRO A 70 7.86 4.05 -7.19
CA PRO A 70 7.51 4.52 -8.54
C PRO A 70 8.54 4.05 -9.57
N ALA A 71 8.27 4.38 -10.83
CA ALA A 71 9.08 4.01 -12.01
C ALA A 71 10.58 4.23 -11.79
N ASP A 72 11.00 5.36 -11.18
CA ASP A 72 12.43 5.68 -11.03
C ASP A 72 13.19 4.70 -10.12
N VAL A 73 12.50 4.00 -9.20
CA VAL A 73 13.16 3.06 -8.28
C VAL A 73 12.82 1.60 -8.67
N ASN A 74 11.85 1.40 -9.56
CA ASN A 74 11.47 0.05 -10.00
C ASN A 74 12.69 -0.77 -10.38
N GLY A 75 12.81 -1.97 -9.83
CA GLY A 75 13.96 -2.81 -10.13
C GLY A 75 15.10 -2.75 -9.12
N THR A 76 15.09 -1.75 -8.21
CA THR A 76 16.13 -1.67 -7.17
C THR A 76 15.94 -2.90 -6.26
N LYS A 77 17.04 -3.58 -5.96
CA LYS A 77 17.05 -4.75 -5.12
C LYS A 77 18.18 -4.67 -4.09
N TYR A 78 17.88 -5.01 -2.85
CA TYR A 78 18.85 -5.13 -1.75
C TYR A 78 18.93 -6.56 -1.32
N LEU A 79 20.15 -7.12 -1.27
CA LEU A 79 20.40 -8.48 -0.80
C LEU A 79 21.14 -8.36 0.55
N VAL A 80 20.60 -8.93 1.63
CA VAL A 80 21.23 -8.82 2.94
C VAL A 80 21.49 -10.22 3.49
N TRP A 81 22.75 -10.48 3.88
CA TRP A 81 23.19 -11.70 4.54
C TRP A 81 23.61 -11.30 5.95
N SER A 82 22.69 -11.44 6.89
CA SER A 82 22.83 -11.03 8.28
C SER A 82 23.18 -12.25 9.13
N TYR A 83 24.33 -12.18 9.81
CA TYR A 83 24.88 -13.31 10.58
C TYR A 83 24.76 -13.16 12.09
N ARG A 84 24.41 -14.26 12.75
CA ARG A 84 24.35 -14.30 14.20
C ARG A 84 25.78 -14.31 14.72
N GLY A 85 26.09 -13.35 15.59
CA GLY A 85 27.42 -13.24 16.19
C GLY A 85 28.26 -12.13 15.61
N LEU A 86 29.41 -11.85 16.25
CA LEU A 86 30.22 -10.74 15.75
C LEU A 86 31.39 -11.14 14.85
N GLU A 87 31.66 -12.44 14.62
CA GLU A 87 32.84 -12.87 13.86
C GLU A 87 32.89 -12.36 12.43
N GLN A 88 31.73 -12.29 11.77
CA GLN A 88 31.60 -11.88 10.40
C GLN A 88 30.62 -10.72 10.31
N ASP A 89 31.03 -9.62 9.63
CA ASP A 89 30.15 -8.47 9.41
C ASP A 89 29.02 -8.89 8.46
N ASP A 90 27.85 -8.28 8.62
CA ASP A 90 26.72 -8.55 7.72
C ASP A 90 27.07 -8.08 6.33
N ASP A 91 26.73 -8.90 5.35
CA ASP A 91 26.93 -8.62 3.93
C ASP A 91 25.69 -7.95 3.34
N TRP A 93 24.32 -5.88 -0.40
CA TRP A 93 24.49 -5.42 -1.76
C TRP A 93 23.21 -4.77 -2.29
N VAL A 94 23.38 -3.83 -3.20
CA VAL A 94 22.26 -3.16 -3.87
C VAL A 94 22.46 -3.28 -5.37
N TYR A 95 21.39 -3.70 -6.11
CA TYR A 95 21.31 -3.64 -7.57
C TYR A 95 20.59 -2.32 -7.91
N LEU A 96 21.26 -1.43 -8.66
CA LEU A 96 20.75 -0.12 -9.08
C LEU A 96 20.29 -0.19 -10.55
N PRO A 97 18.98 -0.06 -10.84
CA PRO A 97 18.50 -0.24 -12.22
C PRO A 97 19.02 0.79 -13.23
N ALA A 98 19.26 2.05 -12.81
CA ALA A 98 19.73 3.13 -13.71
C ALA A 98 21.12 2.85 -14.30
N GLU A 99 21.99 2.15 -13.55
CA GLU A 99 23.33 1.85 -14.05
CA GLU A 99 23.38 1.81 -13.89
C GLU A 99 23.54 0.33 -14.27
N SER A 100 22.48 -0.49 -14.04
CA SER A 100 22.44 -1.96 -14.23
C SER A 100 23.67 -2.57 -13.52
N LEU A 101 23.99 -2.03 -12.33
CA LEU A 101 25.14 -2.35 -11.49
C LEU A 101 24.74 -2.89 -10.17
N VAL A 102 25.62 -3.71 -9.58
CA VAL A 102 25.53 -4.23 -8.22
C VAL A 102 26.68 -3.54 -7.44
N ARG A 103 26.39 -2.97 -6.25
CA ARG A 103 27.38 -2.31 -5.39
C ARG A 103 27.26 -2.90 -3.98
N ARG A 104 28.38 -3.20 -3.33
CA ARG A 104 28.43 -3.69 -1.97
C ARG A 104 28.27 -2.49 -1.06
N ILE A 105 27.48 -2.63 0.01
CA ILE A 105 27.36 -1.59 1.04
C ILE A 105 28.05 -2.13 2.27
N SER A 106 29.21 -1.54 2.60
CA SER A 106 29.98 -2.02 3.74
C SER A 106 30.60 -0.87 4.49
N GLY A 107 31.16 -1.17 5.67
CA GLY A 107 31.81 -0.17 6.50
C GLY A 107 30.87 0.98 6.84
N SER A 108 31.38 2.21 6.73
CA SER A 108 30.63 3.43 7.04
C SER A 108 29.47 3.67 6.05
N SER A 109 29.49 3.01 4.86
CA SER A 109 28.36 3.13 3.93
C SER A 109 27.04 2.62 4.59
N LYS A 110 27.14 1.69 5.57
CA LYS A 110 26.01 1.18 6.36
C LYS A 110 25.26 2.31 7.10
N PHE A 111 25.92 3.47 7.35
CA PHE A 111 25.29 4.53 8.13
C PHE A 111 24.52 5.51 7.28
N ALA A 112 24.66 5.41 5.93
CA ALA A 112 24.00 6.25 4.95
C ALA A 112 22.50 5.94 4.88
N SER A 113 21.74 6.91 4.39
CA SER A 113 20.31 6.83 4.20
C SER A 113 19.92 5.63 3.34
N PHE A 114 18.83 4.95 3.71
CA PHE A 114 18.29 3.87 2.90
C PHE A 114 17.19 4.44 2.00
N ARG A 116 16.73 7.29 0.48
CA ARG A 116 16.47 8.69 0.86
C ARG A 116 15.49 8.77 2.04
N SER A 117 15.21 7.63 2.72
CA SER A 117 14.32 7.58 3.88
C SER A 117 15.06 7.95 5.18
N ASP A 118 14.30 7.93 6.30
CA ASP A 118 14.84 8.20 7.63
C ASP A 118 15.45 6.95 8.23
N LEU A 119 15.42 5.84 7.49
CA LEU A 119 16.12 4.61 7.89
C LEU A 119 17.53 4.63 7.27
N SER A 120 18.54 4.11 7.98
CA SER A 120 19.89 3.94 7.46
C SER A 120 20.02 2.54 6.89
N ASN A 121 21.08 2.27 6.10
CA ASN A 121 21.30 0.92 5.57
C ASN A 121 21.45 -0.12 6.72
N GLU A 122 22.08 0.29 7.83
CA GLU A 122 22.27 -0.62 8.97
C GLU A 122 20.95 -0.94 9.68
N ASP A 123 19.93 -0.06 9.58
CA ASP A 123 18.62 -0.28 10.19
C ASP A 123 17.85 -1.43 9.53
N ILE A 124 18.26 -1.84 8.30
CA ILE A 124 17.66 -2.90 7.50
C ILE A 124 18.16 -4.31 7.92
N GLN A 125 19.26 -4.42 8.68
CA GLN A 125 19.73 -5.72 9.20
C GLN A 125 18.94 -6.16 10.46
N ASN A 126 19.30 -7.34 11.05
CA ASN A 126 18.68 -7.96 12.24
C ASN A 126 18.62 -6.96 13.39
N LEU A 127 17.38 -6.62 13.81
CA LEU A 127 17.11 -5.68 14.89
C LEU A 127 17.34 -6.32 16.28
N ASP A 128 17.40 -7.68 16.36
CA ASP A 128 17.52 -8.36 17.64
C ASP A 128 18.75 -9.29 17.75
N ASP A 129 19.95 -8.78 17.36
CA ASP A 129 21.22 -9.52 17.47
C ASP A 129 21.73 -9.30 18.90
N VAL A 130 21.15 -10.08 19.86
CA VAL A 130 21.30 -9.98 21.32
C VAL A 130 22.78 -9.80 21.78
N ASP A 131 23.72 -10.57 21.21
CA ASP A 131 25.10 -10.52 21.68
C ASP A 131 25.94 -9.39 21.03
N GLU A 132 25.30 -8.45 20.34
CA GLU A 132 26.06 -7.32 19.81
C GLU A 132 26.00 -6.13 20.79
N TYR A 133 25.23 -6.28 21.90
CA TYR A 133 24.98 -5.20 22.85
C TYR A 133 25.13 -5.55 24.32
N ASP A 134 25.30 -4.52 25.14
CA ASP A 134 25.23 -4.51 26.60
C ASP A 134 23.88 -3.91 26.95
N TYR A 135 23.19 -4.47 27.92
CA TYR A 135 21.85 -4.01 28.28
C TYR A 135 21.76 -3.39 29.64
N LEU A 136 20.71 -2.59 29.83
CA LEU A 136 20.36 -2.06 31.14
C LEU A 136 18.81 -1.91 31.25
N LEU A 137 18.17 -2.78 32.04
CA LEU A 137 16.74 -2.69 32.28
C LEU A 137 16.52 -1.51 33.28
N GLN A 138 15.86 -0.44 32.81
CA GLN A 138 15.68 0.80 33.57
C GLN A 138 14.40 0.83 34.37
N GLY A 139 13.47 -0.02 34.03
CA GLY A 139 12.23 -0.13 34.76
C GLY A 139 11.06 -0.32 33.83
N GLU A 140 9.91 0.22 34.24
CA GLU A 140 8.64 0.11 33.54
C GLU A 140 7.94 1.45 33.52
N GLU A 141 7.10 1.66 32.52
CA GLU A 141 6.35 2.91 32.30
C GLU A 141 5.12 2.62 31.46
N ASN A 142 4.02 3.29 31.78
CA ASN A 142 2.79 3.17 30.98
C ASN A 142 2.86 4.25 29.89
N VAL A 143 2.96 3.82 28.62
CA VAL A 143 3.10 4.71 27.46
C VAL A 143 1.80 4.68 26.63
N ASP A 144 1.01 5.76 26.74
CA ASP A 144 -0.30 5.96 26.11
C ASP A 144 -1.21 4.73 26.31
N GLY A 145 -1.40 4.36 27.59
CA GLY A 145 -2.24 3.23 27.98
C GLY A 145 -1.60 1.85 27.95
N ILE A 146 -0.35 1.73 27.40
CA ILE A 146 0.35 0.45 27.27
C ILE A 146 1.49 0.29 28.29
N ASP A 147 1.50 -0.83 29.06
CA ASP A 147 2.59 -1.14 30.00
C ASP A 147 3.83 -1.61 29.25
N CYS A 148 4.98 -0.98 29.52
CA CYS A 148 6.24 -1.29 28.84
C CYS A 148 7.38 -1.50 29.80
N TYR A 149 8.39 -2.26 29.37
CA TYR A 149 9.72 -2.32 29.99
C TYR A 149 10.53 -1.20 29.31
N ILE A 150 11.41 -0.51 30.04
CA ILE A 150 12.35 0.46 29.50
C ILE A 150 13.68 -0.29 29.43
N LEU A 151 14.17 -0.57 28.20
CA LEU A 151 15.39 -1.33 27.97
C LEU A 151 16.38 -0.54 27.19
N GLU A 152 17.51 -0.21 27.82
CA GLU A 152 18.59 0.48 27.14
C GLU A 152 19.56 -0.53 26.61
N ARG A 153 20.05 -0.33 25.39
CA ARG A 153 21.07 -1.20 24.84
C ARG A 153 22.17 -0.34 24.23
N THR A 154 23.43 -0.70 24.53
CA THR A 154 24.61 0.02 24.08
C THR A 154 25.41 -0.95 23.22
N PRO A 155 25.89 -0.55 22.03
CA PRO A 155 26.68 -1.50 21.24
C PRO A 155 27.98 -1.83 21.95
N LYS A 156 28.36 -3.11 21.88
CA LYS A 156 29.64 -3.58 22.44
C LYS A 156 30.79 -2.89 21.71
N LYS A 157 31.89 -2.66 22.43
CA LYS A 157 33.11 -2.04 21.91
C LYS A 157 33.56 -2.75 20.60
N GLY A 158 33.82 -1.95 19.58
CA GLY A 158 34.27 -2.43 18.28
C GLY A 158 33.18 -2.63 17.25
N LYS A 159 31.89 -2.55 17.66
CA LYS A 159 30.78 -2.72 16.73
C LYS A 159 30.65 -1.48 15.83
N GLU A 160 30.58 -1.73 14.53
CA GLU A 160 30.44 -0.77 13.43
C GLU A 160 28.99 -0.29 13.39
N THR A 161 28.73 0.88 13.99
CA THR A 161 27.36 1.43 14.06
C THR A 161 27.44 2.93 14.22
N GLN A 162 26.40 3.65 13.80
CA GLN A 162 26.42 5.10 13.99
C GLN A 162 25.89 5.46 15.41
N TYR A 163 25.30 4.48 16.10
CA TYR A 163 24.64 4.76 17.36
C TYR A 163 25.51 4.49 18.57
N SER A 164 25.34 5.33 19.59
CA SER A 164 26.05 5.17 20.86
C SER A 164 25.20 4.39 21.83
N ARG A 165 23.86 4.54 21.72
CA ARG A 165 22.93 3.88 22.63
C ARG A 165 21.50 4.04 22.11
N GLN A 166 20.66 3.07 22.45
CA GLN A 166 19.27 3.02 22.09
C GLN A 166 18.41 2.72 23.31
N VAL A 167 17.39 3.56 23.53
CA VAL A 167 16.42 3.40 24.61
C VAL A 167 15.19 2.80 23.96
N GLN A 168 14.76 1.65 24.46
CA GLN A 168 13.60 0.96 23.89
C GLN A 168 12.46 0.79 24.89
N TRP A 169 11.23 1.13 24.48
CA TRP A 169 10.03 0.88 25.27
C TRP A 169 9.44 -0.39 24.71
N VAL A 170 9.45 -1.50 25.49
CA VAL A 170 9.04 -2.83 25.03
C VAL A 170 7.72 -3.25 25.68
N ARG A 171 6.71 -3.61 24.85
CA ARG A 171 5.41 -4.06 25.36
C ARG A 171 5.57 -5.29 26.19
N LYS A 172 5.04 -5.27 27.43
CA LYS A 172 5.16 -6.40 28.35
C LYS A 172 4.43 -7.64 27.83
N ASP A 173 3.31 -7.46 27.14
CA ASP A 173 2.48 -8.56 26.68
C ASP A 173 3.03 -9.26 25.42
N THR A 174 3.44 -8.52 24.39
CA THR A 174 3.89 -9.14 23.14
C THR A 174 5.43 -9.17 23.00
N LEU A 175 6.17 -8.37 23.79
CA LEU A 175 7.65 -8.29 23.75
C LEU A 175 8.11 -7.59 22.45
N LEU A 176 7.18 -6.86 21.81
CA LEU A 176 7.51 -6.04 20.64
C LEU A 176 7.82 -4.65 21.11
N ARG A 177 8.72 -3.94 20.40
CA ARG A 177 8.98 -2.53 20.72
C ARG A 177 7.74 -1.70 20.42
N LEU A 178 7.46 -0.68 21.24
CA LEU A 178 6.43 0.30 21.04
C LEU A 178 7.08 1.60 20.55
N ARG A 179 8.25 1.93 21.08
CA ARG A 179 8.96 3.15 20.77
C ARG A 179 10.45 2.92 21.03
N ALA A 180 11.29 3.67 20.33
CA ALA A 180 12.73 3.65 20.61
C ALA A 180 13.39 4.98 20.23
N ASP A 181 14.33 5.40 21.06
CA ASP A 181 15.12 6.60 20.85
C ASP A 181 16.53 6.18 20.56
N TYR A 182 17.12 6.72 19.46
CA TYR A 182 18.48 6.41 19.03
C TYR A 182 19.36 7.62 19.20
N TYR A 183 20.58 7.39 19.74
CA TYR A 183 21.55 8.42 20.03
C TYR A 183 22.81 8.25 19.20
N ASP A 184 23.37 9.36 18.72
CA ASP A 184 24.58 9.35 17.88
C ASP A 184 25.84 9.31 18.77
N LYS A 185 27.03 9.33 18.13
CA LYS A 185 28.32 9.26 18.85
C LYS A 185 28.60 10.51 19.70
N LYS A 186 27.83 11.59 19.49
CA LYS A 186 27.97 12.84 20.25
C LYS A 186 26.83 12.95 21.29
N ASP A 187 26.21 11.79 21.63
CA ASP A 187 25.12 11.57 22.60
C ASP A 187 23.84 12.38 22.24
N ARG A 188 23.72 12.83 20.98
CA ARG A 188 22.54 13.58 20.54
C ARG A 188 21.48 12.65 20.03
N LEU A 189 20.21 13.00 20.29
CA LEU A 189 19.05 12.24 19.79
C LEU A 189 19.01 12.33 18.25
N VAL A 190 19.30 11.21 17.56
CA VAL A 190 19.40 11.22 16.09
C VAL A 190 18.11 10.65 15.44
N LYS A 191 17.45 9.69 16.10
CA LYS A 191 16.23 9.11 15.53
C LYS A 191 15.23 8.77 16.59
N LYS A 192 13.95 8.97 16.26
CA LYS A 192 12.82 8.58 17.11
C LYS A 192 11.99 7.56 16.30
N LEU A 193 11.80 6.36 16.85
CA LEU A 193 11.04 5.29 16.19
C LEU A 193 9.76 5.04 16.94
N PHE A 194 8.67 4.86 16.18
CA PHE A 194 7.34 4.56 16.68
C PHE A 194 6.87 3.33 15.97
N PHE A 195 6.64 2.26 16.72
CA PHE A 195 6.16 1.01 16.21
C PHE A 195 4.64 1.10 16.48
N SER A 196 3.96 1.85 15.60
CA SER A 196 2.59 2.32 15.73
C SER A 196 1.48 1.27 15.49
N ARG A 197 1.85 0.07 15.05
CA ARG A 197 0.88 -1.00 14.82
C ARG A 197 1.53 -2.37 14.96
N GLN A 198 0.88 -3.25 15.72
CA GLN A 198 1.29 -4.63 15.89
C GLN A 198 0.12 -5.52 15.56
N GLU A 199 0.38 -6.66 14.96
CA GLU A 199 -0.66 -7.60 14.54
C GLU A 199 -0.17 -9.01 14.76
N LYS A 200 -1.05 -9.92 15.14
CA LYS A 200 -0.64 -11.31 15.35
C LYS A 200 -0.85 -11.99 13.99
N ILE A 201 0.25 -12.30 13.30
CA ILE A 201 0.17 -12.91 11.97
C ILE A 201 0.71 -14.31 12.04
N ASP A 202 -0.12 -15.31 11.65
CA ASP A 202 0.23 -16.74 11.71
C ASP A 202 0.83 -17.10 13.08
N GLY A 203 0.21 -16.57 14.15
CA GLY A 203 0.59 -16.82 15.53
C GLY A 203 1.79 -16.04 16.06
N ILE A 204 2.31 -15.06 15.28
CA ILE A 204 3.50 -14.28 15.65
C ILE A 204 3.17 -12.78 15.67
N TRP A 205 3.29 -12.18 16.86
CA TRP A 205 3.10 -10.74 17.04
C TRP A 205 4.19 -10.02 16.22
N THR A 206 3.76 -9.21 15.22
CA THR A 206 4.63 -8.55 14.25
C THR A 206 4.33 -7.06 14.17
N VAL A 207 5.37 -6.23 14.06
CA VAL A 207 5.22 -4.78 13.83
C VAL A 207 4.82 -4.65 12.39
N THR A 208 3.73 -3.90 12.09
CA THR A 208 3.28 -3.77 10.70
C THR A 208 3.10 -2.33 10.30
N GLN A 209 3.51 -1.40 11.18
CA GLN A 209 3.49 0.01 10.83
C GLN A 209 4.54 0.70 11.69
N ARG A 211 6.74 4.68 12.24
CA ARG A 211 7.07 6.07 11.94
C ARG A 211 8.51 6.28 12.41
N VAL A 212 9.42 6.75 11.53
CA VAL A 212 10.81 6.98 11.89
C VAL A 212 11.10 8.45 11.62
N GLU A 213 11.51 9.19 12.66
CA GLU A 213 11.76 10.61 12.61
C GLU A 213 13.23 10.92 12.83
N ARG A 214 13.75 11.82 12.02
CA ARG A 214 15.11 12.35 12.19
C ARG A 214 14.93 13.81 12.53
N PRO A 215 14.87 14.14 13.85
CA PRO A 215 14.63 15.54 14.24
C PRO A 215 15.66 16.53 13.68
N ARG A 216 16.93 16.09 13.50
CA ARG A 216 18.00 16.97 13.00
C ARG A 216 17.90 17.20 11.48
N GLU A 217 17.17 16.32 10.75
CA GLU A 217 17.01 16.44 9.29
C GLU A 217 15.69 17.10 8.90
N GLY A 218 14.77 17.26 9.85
CA GLY A 218 13.44 17.82 9.58
C GLY A 218 12.62 16.90 8.71
N SER A 219 12.79 15.58 8.90
CA SER A 219 12.08 14.62 8.07
C SER A 219 11.50 13.47 8.89
N PHE A 220 10.47 12.84 8.34
CA PHE A 220 9.91 11.62 8.96
C PHE A 220 9.47 10.65 7.86
N THR A 221 9.61 9.34 8.15
CA THR A 221 9.23 8.27 7.24
C THR A 221 8.13 7.43 7.87
N VAL A 222 7.07 7.13 7.11
CA VAL A 222 6.01 6.24 7.62
C VAL A 222 5.99 4.99 6.74
N ILE A 223 6.09 3.80 7.34
CA ILE A 223 6.07 2.56 6.55
C ILE A 223 4.87 1.72 6.98
N ASP A 224 4.09 1.27 5.98
CA ASP A 224 2.92 0.42 6.16
C ASP A 224 3.16 -0.90 5.52
N TRP A 225 3.15 -1.97 6.33
CA TRP A 225 3.28 -3.32 5.82
C TRP A 225 1.91 -3.97 5.71
N SER A 226 1.76 -4.79 4.67
CA SER A 226 0.53 -5.56 4.47
C SER A 226 0.84 -6.83 3.69
N ASN A 227 -0.15 -7.77 3.68
CA ASN A 227 -0.07 -9.09 3.05
C ASN A 227 1.14 -9.88 3.59
N LEU A 228 1.42 -9.71 4.92
CA LEU A 228 2.56 -10.41 5.52
CA LEU A 228 2.51 -10.38 5.62
C LEU A 228 2.17 -11.85 5.82
N ARG A 229 3.07 -12.77 5.48
CA ARG A 229 2.88 -14.21 5.67
C ARG A 229 4.16 -14.86 6.20
N TYR A 230 4.04 -15.89 7.04
CA TYR A 230 5.22 -16.64 7.52
C TYR A 230 5.25 -18.06 6.96
N ASP A 231 6.45 -18.67 6.88
CA ASP A 231 6.67 -20.06 6.46
C ASP A 231 5.89 -20.41 5.18
N VAL A 232 6.14 -19.65 4.11
CA VAL A 232 5.51 -19.80 2.80
C VAL A 232 6.27 -20.80 1.92
N GLY A 233 7.46 -21.22 2.37
CA GLY A 233 8.31 -22.16 1.64
C GLY A 233 9.14 -21.50 0.55
N LEU A 234 9.84 -20.40 0.89
CA LEU A 234 10.70 -19.66 -0.03
C LEU A 234 11.92 -20.46 -0.44
N SER A 235 12.24 -20.49 -1.74
CA SER A 235 13.44 -21.19 -2.22
C SER A 235 14.69 -20.36 -1.86
N ASP A 236 15.87 -21.02 -1.77
CA ASP A 236 17.16 -20.38 -1.48
C ASP A 236 17.62 -19.44 -2.62
N ALA A 237 17.01 -19.57 -3.82
CA ALA A 237 17.28 -18.81 -5.04
C ALA A 237 17.10 -17.30 -4.88
N TYR A 238 16.10 -16.89 -4.04
CA TYR A 238 15.84 -15.48 -3.77
C TYR A 238 17.01 -14.81 -3.06
N PHE A 239 17.83 -15.61 -2.37
CA PHE A 239 18.90 -15.09 -1.51
C PHE A 239 20.31 -15.32 -2.07
N GLU A 240 20.40 -15.75 -3.33
CA GLU A 240 21.70 -15.94 -3.99
C GLU A 240 22.11 -14.63 -4.64
N HIS A 241 23.42 -14.38 -4.70
CA HIS A 241 23.98 -13.17 -5.31
C HIS A 241 23.46 -12.97 -6.74
N SER A 242 23.10 -14.10 -7.43
CA SER A 242 22.49 -14.16 -8.78
C SER A 242 21.08 -13.56 -8.85
N ALA A 243 20.33 -13.52 -7.74
CA ALA A 243 18.99 -12.91 -7.71
C ALA A 243 19.06 -11.38 -7.95
N LEU A 244 20.27 -10.77 -7.77
CA LEU A 244 20.49 -9.33 -7.96
C LEU A 244 20.48 -8.97 -9.45
N GLN A 245 21.54 -9.29 -10.23
CA GLN A 245 21.57 -8.96 -11.66
C GLN A 245 20.91 -10.06 -12.48
N THR B 6 -6.81 6.02 -41.90
CA THR B 6 -7.17 6.37 -40.52
C THR B 6 -6.21 5.73 -39.51
N ASP B 7 -5.92 6.45 -38.41
CA ASP B 7 -5.07 5.95 -37.32
C ASP B 7 -5.98 5.55 -36.13
N PRO B 8 -6.19 4.23 -35.91
CA PRO B 8 -7.08 3.78 -34.82
C PRO B 8 -6.53 4.04 -33.42
N VAL B 9 -5.20 4.18 -33.28
CA VAL B 9 -4.52 4.45 -32.00
C VAL B 9 -4.84 5.90 -31.58
N LYS B 10 -4.64 6.86 -32.51
CA LYS B 10 -4.90 8.29 -32.30
C LYS B 10 -6.40 8.52 -32.12
N ALA B 11 -7.24 7.90 -32.98
CA ALA B 11 -8.70 8.01 -32.90
C ALA B 11 -9.22 7.49 -31.53
N GLY B 12 -8.58 6.42 -31.04
CA GLY B 12 -8.88 5.82 -29.75
C GLY B 12 -8.57 6.76 -28.61
N TYR B 13 -7.39 7.39 -28.66
CA TYR B 13 -6.92 8.38 -27.67
C TYR B 13 -7.86 9.58 -27.65
N ASP B 14 -8.16 10.16 -28.82
CA ASP B 14 -9.04 11.33 -28.95
C ASP B 14 -10.46 11.06 -28.38
N LEU B 15 -11.01 9.83 -28.55
CA LEU B 15 -12.31 9.43 -27.99
C LEU B 15 -12.24 9.40 -26.46
N ALA B 16 -11.17 8.75 -25.92
CA ALA B 16 -10.93 8.67 -24.48
C ALA B 16 -10.85 10.08 -23.87
N VAL B 17 -10.28 11.06 -24.61
CA VAL B 17 -10.18 12.45 -24.14
C VAL B 17 -11.59 13.05 -24.10
N ARG B 18 -12.40 12.84 -25.15
CA ARG B 18 -13.81 13.29 -25.19
C ARG B 18 -14.62 12.67 -24.06
N ASP B 20 -13.43 11.79 -21.14
CA ASP B 20 -12.94 12.42 -19.90
C ASP B 20 -13.54 13.83 -19.73
N GLN B 21 -13.96 14.46 -20.85
CA GLN B 21 -14.54 15.80 -20.87
C GLN B 21 -16.02 15.86 -20.49
N VAL B 22 -16.71 14.71 -20.37
CA VAL B 22 -18.15 14.65 -20.05
C VAL B 22 -18.40 15.25 -18.65
N ASP B 23 -17.61 14.81 -17.66
CA ASP B 23 -17.75 15.30 -16.29
C ASP B 23 -16.99 16.63 -16.10
N THR B 24 -17.72 17.74 -16.25
CA THR B 24 -17.25 19.12 -16.12
C THR B 24 -17.44 19.68 -14.67
N SER B 25 -17.80 18.81 -13.72
CA SER B 25 -18.03 19.20 -12.32
C SER B 25 -16.70 19.36 -11.53
N GLN B 26 -16.76 20.13 -10.42
CA GLN B 26 -15.64 20.31 -9.49
C GLN B 26 -15.82 19.38 -8.28
N ASP B 27 -17.07 19.02 -8.00
CA ASP B 27 -17.42 18.13 -6.88
C ASP B 27 -18.74 17.41 -7.14
N SER B 28 -19.03 16.38 -6.34
CA SER B 28 -20.27 15.62 -6.48
C SER B 28 -20.64 14.90 -5.20
N TYR B 29 -21.93 14.59 -5.08
CA TYR B 29 -22.51 13.83 -3.99
C TYR B 29 -23.47 12.81 -4.56
N SER B 30 -23.49 11.58 -4.01
CA SER B 30 -24.46 10.57 -4.43
C SER B 30 -24.70 9.57 -3.31
N GLU B 31 -25.84 8.94 -3.37
CA GLU B 31 -26.27 7.87 -2.49
C GLU B 31 -26.40 6.61 -3.36
N ALA B 32 -25.98 5.46 -2.84
CA ALA B 32 -26.06 4.23 -3.58
C ALA B 32 -26.51 3.08 -2.69
N VAL B 33 -27.12 2.06 -3.32
CA VAL B 33 -27.51 0.78 -2.78
C VAL B 33 -26.88 -0.27 -3.68
N SER B 35 -26.20 -4.52 -4.18
CA SER B 35 -26.64 -5.89 -3.89
C SER B 35 -25.63 -6.85 -4.52
N ILE B 36 -25.08 -7.77 -3.70
CA ILE B 36 -24.05 -8.72 -4.12
C ILE B 36 -24.62 -10.09 -4.06
N ASN B 37 -24.61 -10.77 -5.18
CA ASN B 37 -25.20 -12.08 -5.23
C ASN B 37 -24.16 -13.13 -5.60
N ARG B 38 -24.08 -14.17 -4.77
CA ARG B 38 -23.22 -15.31 -5.02
CA ARG B 38 -23.20 -15.30 -4.98
C ARG B 38 -24.01 -16.61 -4.77
N GLY B 39 -24.55 -17.17 -5.86
CA GLY B 39 -25.34 -18.40 -5.86
C GLY B 39 -26.52 -18.40 -4.91
N GLY B 40 -27.34 -17.34 -4.98
CA GLY B 40 -28.50 -17.17 -4.12
C GLY B 40 -28.23 -16.31 -2.89
N LYS B 41 -27.04 -16.47 -2.28
CA LYS B 41 -26.61 -15.73 -1.07
C LYS B 41 -26.43 -14.24 -1.42
N VAL B 42 -27.12 -13.35 -0.68
CA VAL B 42 -27.09 -11.92 -0.99
C VAL B 42 -26.59 -11.08 0.16
N LEU B 43 -25.64 -10.17 -0.16
CA LEU B 43 -25.08 -9.16 0.74
C LEU B 43 -25.56 -7.81 0.21
N THR B 44 -25.95 -6.87 1.08
CA THR B 44 -26.33 -5.53 0.59
C THR B 44 -25.53 -4.47 1.31
N ARG B 45 -25.32 -3.31 0.69
CA ARG B 45 -24.63 -2.17 1.26
C ARG B 45 -25.31 -0.91 0.78
N SER B 46 -25.49 0.06 1.68
CA SER B 46 -25.95 1.42 1.37
C SER B 46 -24.81 2.34 1.71
N PHE B 47 -24.47 3.27 0.81
CA PHE B 47 -23.38 4.19 1.07
C PHE B 47 -23.60 5.54 0.41
N LYS B 48 -22.89 6.55 0.89
CA LYS B 48 -22.85 7.91 0.34
C LYS B 48 -21.45 8.13 -0.22
N THR B 49 -21.32 8.86 -1.32
CA THR B 49 -20.01 9.19 -1.89
C THR B 49 -19.88 10.68 -2.08
N TYR B 50 -18.80 11.24 -1.52
CA TYR B 50 -18.37 12.64 -1.66
C TYR B 50 -17.14 12.64 -2.58
N SER B 51 -17.08 13.53 -3.57
CA SER B 51 -15.94 13.62 -4.48
C SER B 51 -15.63 15.05 -4.75
N LYS B 52 -14.35 15.38 -4.84
CA LYS B 52 -13.92 16.75 -5.14
C LYS B 52 -12.61 16.72 -5.90
N HIS B 53 -12.46 17.64 -6.87
CA HIS B 53 -11.25 17.76 -7.67
C HIS B 53 -10.18 18.54 -6.92
N PHE B 54 -8.92 18.05 -7.01
CA PHE B 54 -7.75 18.61 -6.37
C PHE B 54 -6.54 18.63 -7.34
N GLY B 55 -5.45 19.23 -6.92
CA GLY B 55 -4.23 19.33 -7.73
C GLY B 55 -4.13 20.66 -8.46
N LYS B 56 -2.91 20.96 -8.97
CA LYS B 56 -2.57 22.20 -9.68
C LYS B 56 -3.52 22.52 -10.84
N ASP B 57 -3.97 21.49 -11.58
CA ASP B 57 -4.88 21.68 -12.72
C ASP B 57 -6.30 21.20 -12.38
N GLY B 58 -6.50 20.83 -11.11
CA GLY B 58 -7.75 20.29 -10.60
C GLY B 58 -8.11 18.97 -11.27
N LYS B 59 -7.09 18.19 -11.70
CA LYS B 59 -7.30 16.91 -12.39
C LYS B 59 -7.23 15.68 -11.44
N ASP B 60 -6.73 15.86 -10.20
CA ASP B 60 -6.76 14.76 -9.21
C ASP B 60 -8.17 14.71 -8.64
N GLU B 61 -8.62 13.52 -8.26
CA GLU B 61 -9.97 13.37 -7.72
C GLU B 61 -9.91 12.70 -6.36
N TYR B 62 -10.42 13.37 -5.32
CA TYR B 62 -10.47 12.78 -3.96
C TYR B 62 -11.88 12.33 -3.66
N SER B 63 -12.04 11.14 -3.04
CA SER B 63 -13.33 10.57 -2.74
C SER B 63 -13.39 10.01 -1.34
N LEU B 64 -14.54 10.16 -0.70
CA LEU B 64 -14.87 9.59 0.61
C LEU B 64 -16.15 8.80 0.44
N ILE B 65 -16.11 7.51 0.80
CA ILE B 65 -17.26 6.61 0.69
C ILE B 65 -17.66 6.25 2.14
N VAL B 66 -18.91 6.55 2.53
CA VAL B 66 -19.39 6.33 3.91
C VAL B 66 -20.54 5.34 3.90
N PHE B 67 -20.39 4.18 4.53
CA PHE B 67 -21.46 3.14 4.62
C PHE B 67 -22.38 3.38 5.83
N ASP B 68 -23.69 3.26 5.63
CA ASP B 68 -24.65 3.48 6.70
C ASP B 68 -25.46 2.20 7.04
N ARG B 69 -25.55 1.28 6.08
CA ARG B 69 -26.32 0.04 6.22
C ARG B 69 -25.64 -1.12 5.47
N PRO B 70 -25.85 -2.39 5.89
CA PRO B 70 -26.56 -2.82 7.10
C PRO B 70 -25.71 -2.56 8.34
N ALA B 71 -26.30 -2.84 9.56
CA ALA B 71 -25.66 -2.59 10.87
C ALA B 71 -24.17 -3.04 10.93
N ASP B 72 -23.82 -4.23 10.37
CA ASP B 72 -22.45 -4.77 10.45
C ASP B 72 -21.40 -3.94 9.70
N VAL B 73 -21.78 -3.14 8.68
CA VAL B 73 -20.83 -2.34 7.93
C VAL B 73 -20.98 -0.83 8.24
N ASN B 74 -22.10 -0.45 8.88
CA ASN B 74 -22.37 0.92 9.29
C ASN B 74 -21.10 1.56 9.90
N GLY B 75 -20.69 2.70 9.33
CA GLY B 75 -19.51 3.42 9.83
C GLY B 75 -18.23 3.20 9.02
N THR B 76 -18.21 2.16 8.14
CA THR B 76 -17.07 1.87 7.29
C THR B 76 -16.88 3.08 6.37
N LYS B 77 -15.63 3.51 6.21
CA LYS B 77 -15.33 4.65 5.33
C LYS B 77 -14.09 4.36 4.51
N TYR B 78 -14.11 4.76 3.23
CA TYR B 78 -12.97 4.67 2.34
C TYR B 78 -12.55 6.05 1.93
N LEU B 79 -11.26 6.35 2.03
CA LEU B 79 -10.69 7.62 1.56
C LEU B 79 -9.81 7.29 0.37
N VAL B 80 -10.06 7.95 -0.78
CA VAL B 80 -9.32 7.71 -2.01
C VAL B 80 -8.75 9.03 -2.51
N TRP B 81 -7.42 9.05 -2.71
CA TRP B 81 -6.68 10.14 -3.35
C TRP B 81 -6.19 9.61 -4.67
N SER B 82 -6.94 9.94 -5.72
CA SER B 82 -6.70 9.46 -7.08
C SER B 82 -5.97 10.54 -7.85
N TYR B 83 -4.75 10.21 -8.31
CA TYR B 83 -3.90 11.16 -9.02
C TYR B 83 -3.88 10.94 -10.54
N ARG B 84 -3.89 12.04 -11.29
CA ARG B 84 -3.82 12.07 -12.77
C ARG B 84 -2.51 11.44 -13.26
N GLY B 85 -2.58 10.58 -14.27
CA GLY B 85 -1.42 9.91 -14.85
C GLY B 85 -0.86 8.78 -14.01
N LEU B 86 0.39 8.35 -14.30
CA LEU B 86 1.02 7.21 -13.61
C LEU B 86 2.27 7.53 -12.77
N GLU B 87 2.64 8.80 -12.58
CA GLU B 87 3.78 9.15 -11.73
C GLU B 87 3.59 8.63 -10.28
N GLN B 88 2.38 8.83 -9.73
CA GLN B 88 2.09 8.41 -8.38
C GLN B 88 0.88 7.49 -8.35
N ASP B 89 1.04 6.41 -7.57
CA ASP B 89 -0.01 5.44 -7.35
C ASP B 89 -1.04 6.09 -6.45
N ASP B 90 -2.32 5.77 -6.69
CA ASP B 90 -3.41 6.29 -5.90
C ASP B 90 -3.30 5.80 -4.47
N ASP B 91 -3.59 6.70 -3.53
CA ASP B 91 -3.64 6.45 -2.10
C ASP B 91 -5.04 6.09 -1.68
N TRP B 93 -7.26 4.38 1.86
CA TRP B 93 -7.39 3.96 3.24
C TRP B 93 -8.81 3.54 3.53
N VAL B 94 -8.96 2.66 4.51
CA VAL B 94 -10.28 2.22 4.97
C VAL B 94 -10.33 2.32 6.52
N TYR B 95 -11.38 2.94 7.04
CA TYR B 95 -11.71 2.96 8.46
C TYR B 95 -12.70 1.81 8.71
N LEU B 96 -12.37 0.88 9.64
CA LEU B 96 -13.26 -0.25 9.93
C LEU B 96 -13.88 -0.12 11.33
N PRO B 97 -15.22 -0.11 11.43
CA PRO B 97 -15.88 0.15 12.73
C PRO B 97 -15.65 -0.88 13.83
N ALA B 98 -15.47 -2.17 13.50
CA ALA B 98 -15.32 -3.27 14.50
C ALA B 98 -14.37 -2.90 15.66
N GLU B 99 -13.13 -2.49 15.34
CA GLU B 99 -12.07 -2.13 16.29
C GLU B 99 -11.64 -0.63 16.14
N SER B 100 -12.31 0.15 15.26
CA SER B 100 -12.06 1.58 15.03
C SER B 100 -10.64 1.84 14.50
N LEU B 101 -10.16 0.96 13.63
CA LEU B 101 -8.83 1.08 13.05
C LEU B 101 -8.88 1.63 11.62
N VAL B 102 -7.82 2.37 11.25
CA VAL B 102 -7.60 2.88 9.90
C VAL B 102 -6.46 2.05 9.28
N ARG B 103 -6.65 1.58 8.04
CA ARG B 103 -5.65 0.77 7.36
C ARG B 103 -5.44 1.26 5.93
N ARG B 104 -4.15 1.34 5.49
CA ARG B 104 -3.84 1.66 4.09
C ARG B 104 -4.15 0.45 3.23
N ILE B 105 -4.67 0.70 2.05
CA ILE B 105 -4.91 -0.36 1.08
C ILE B 105 -3.89 -0.12 -0.02
N SER B 106 -2.97 -1.07 -0.24
CA SER B 106 -1.92 -0.86 -1.25
C SER B 106 -1.38 -2.21 -1.77
N GLY B 107 -0.52 -2.15 -2.79
CA GLY B 107 0.08 -3.35 -3.39
C GLY B 107 -0.96 -4.31 -3.92
N SER B 108 -0.77 -5.60 -3.65
CA SER B 108 -1.68 -6.66 -4.07
C SER B 108 -3.13 -6.50 -3.50
N SER B 109 -3.31 -5.75 -2.35
CA SER B 109 -4.64 -5.49 -1.76
C SER B 109 -5.54 -4.64 -2.70
N LYS B 110 -4.93 -3.88 -3.64
CA LYS B 110 -5.74 -3.10 -4.60
C LYS B 110 -6.56 -4.01 -5.47
N PHE B 111 -6.10 -5.27 -5.66
CA PHE B 111 -6.77 -6.24 -6.55
C PHE B 111 -7.78 -7.11 -5.81
N ALA B 112 -7.87 -6.92 -4.50
CA ALA B 112 -8.80 -7.65 -3.65
C ALA B 112 -10.17 -7.04 -3.81
N SER B 113 -11.15 -7.79 -3.34
CA SER B 113 -12.57 -7.43 -3.38
C SER B 113 -12.86 -6.17 -2.55
N PHE B 114 -13.70 -5.30 -3.09
CA PHE B 114 -14.22 -4.12 -2.39
C PHE B 114 -15.55 -4.49 -1.66
N ARG B 116 -16.66 -7.09 -0.29
CA ARG B 116 -17.06 -8.44 -0.71
C ARG B 116 -17.84 -8.40 -2.06
N SER B 117 -17.81 -7.24 -2.76
CA SER B 117 -18.55 -7.09 -4.02
C SER B 117 -17.72 -7.59 -5.18
N ASP B 118 -18.29 -7.46 -6.40
CA ASP B 118 -17.61 -7.88 -7.63
C ASP B 118 -16.64 -6.83 -8.10
N LEU B 119 -16.67 -5.66 -7.45
CA LEU B 119 -15.69 -4.60 -7.65
C LEU B 119 -14.45 -4.94 -6.85
N SER B 120 -13.28 -4.55 -7.38
CA SER B 120 -12.01 -4.66 -6.66
C SER B 120 -11.73 -3.28 -6.08
N ASN B 121 -10.82 -3.19 -5.12
CA ASN B 121 -10.45 -1.92 -4.52
C ASN B 121 -9.99 -0.93 -5.60
N GLU B 122 -9.25 -1.41 -6.64
CA GLU B 122 -8.75 -0.54 -7.70
C GLU B 122 -9.88 0.08 -8.55
N ASP B 123 -11.04 -0.60 -8.66
CA ASP B 123 -12.21 -0.16 -9.46
C ASP B 123 -12.86 1.10 -8.91
N ILE B 124 -12.56 1.44 -7.66
CA ILE B 124 -13.07 2.61 -6.97
C ILE B 124 -12.24 3.85 -7.35
N GLN B 125 -11.08 3.66 -7.97
CA GLN B 125 -10.22 4.75 -8.42
C GLN B 125 -10.76 5.35 -9.72
N ASN B 126 -10.18 6.47 -10.16
CA ASN B 126 -10.63 7.16 -11.37
C ASN B 126 -10.74 6.19 -12.59
N LEU B 127 -11.96 6.08 -13.16
CA LEU B 127 -12.25 5.24 -14.32
C LEU B 127 -11.74 5.86 -15.63
N ASP B 128 -11.58 7.21 -15.67
CA ASP B 128 -11.20 7.86 -16.92
C ASP B 128 -9.89 8.63 -16.86
N ASP B 129 -8.86 8.01 -16.31
CA ASP B 129 -7.54 8.62 -16.28
C ASP B 129 -6.86 8.29 -17.62
N VAL B 130 -7.03 9.19 -18.64
CA VAL B 130 -6.63 9.01 -20.03
C VAL B 130 -5.17 8.50 -20.20
N ASP B 131 -4.18 9.12 -19.54
CA ASP B 131 -2.78 8.72 -19.81
C ASP B 131 -2.33 7.46 -19.00
N GLU B 132 -3.27 6.70 -18.42
CA GLU B 132 -2.94 5.44 -17.76
C GLU B 132 -2.94 4.29 -18.76
N TYR B 133 -3.45 4.55 -20.01
CA TYR B 133 -3.63 3.54 -21.05
C TYR B 133 -3.21 3.93 -22.45
N ASP B 134 -3.04 2.90 -23.28
CA ASP B 134 -2.88 3.02 -24.73
C ASP B 134 -4.21 2.58 -25.34
N TYR B 135 -4.62 3.18 -26.50
CA TYR B 135 -5.95 2.88 -27.03
C TYR B 135 -5.98 2.33 -28.42
N LEU B 136 -7.12 1.67 -28.75
CA LEU B 136 -7.30 1.18 -30.10
C LEU B 136 -8.80 1.21 -30.42
N LEU B 137 -9.21 2.18 -31.26
CA LEU B 137 -10.60 2.29 -31.73
C LEU B 137 -10.84 1.16 -32.75
N GLN B 138 -11.68 0.18 -32.40
CA GLN B 138 -11.94 -1.00 -33.21
C GLN B 138 -13.07 -0.84 -34.21
N GLY B 139 -13.92 0.15 -33.96
CA GLY B 139 -15.04 0.47 -34.85
C GLY B 139 -16.30 0.82 -34.09
N GLU B 140 -17.44 0.48 -34.70
CA GLU B 140 -18.77 0.75 -34.15
C GLU B 140 -19.65 -0.50 -34.22
N GLU B 141 -20.65 -0.53 -33.35
CA GLU B 141 -21.59 -1.63 -33.21
C GLU B 141 -22.84 -1.11 -32.55
N ASN B 142 -24.01 -1.53 -33.04
CA ASN B 142 -25.27 -1.20 -32.41
C ASN B 142 -25.50 -2.27 -31.31
N VAL B 143 -25.61 -1.87 -30.04
CA VAL B 143 -25.79 -2.78 -28.90
C VAL B 143 -27.20 -2.56 -28.30
N ASP B 144 -28.11 -3.52 -28.56
CA ASP B 144 -29.52 -3.51 -28.15
C ASP B 144 -30.18 -2.15 -28.49
N GLY B 145 -30.09 -1.76 -29.75
CA GLY B 145 -30.65 -0.51 -30.23
C GLY B 145 -29.82 0.75 -30.09
N ILE B 146 -28.72 0.72 -29.31
CA ILE B 146 -27.86 1.89 -29.07
C ILE B 146 -26.57 1.83 -29.89
N ASP B 147 -26.26 2.89 -30.69
CA ASP B 147 -25.01 3.01 -31.45
C ASP B 147 -23.83 3.27 -30.51
N CYS B 148 -22.76 2.47 -30.65
CA CYS B 148 -21.57 2.54 -29.79
C CYS B 148 -20.29 2.53 -30.58
N TYR B 149 -19.25 3.14 -30.00
CA TYR B 149 -17.88 2.96 -30.44
C TYR B 149 -17.34 1.75 -29.70
N ILE B 150 -16.48 0.95 -30.33
CA ILE B 150 -15.78 -0.16 -29.67
C ILE B 150 -14.37 0.37 -29.38
N LEU B 151 -14.04 0.61 -28.11
CA LEU B 151 -12.74 1.17 -27.72
C LEU B 151 -12.00 0.25 -26.77
N GLU B 152 -10.87 -0.28 -27.22
CA GLU B 152 -10.02 -1.11 -26.37
C GLU B 152 -8.98 -0.27 -25.73
N ARG B 153 -8.74 -0.45 -24.41
CA ARG B 153 -7.65 0.23 -23.73
C ARG B 153 -6.80 -0.81 -23.01
N THR B 154 -5.49 -0.65 -23.14
CA THR B 154 -4.52 -1.52 -22.50
C THR B 154 -3.80 -0.67 -21.48
N PRO B 155 -3.78 -1.05 -20.18
CA PRO B 155 -3.06 -0.24 -19.20
C PRO B 155 -1.57 -0.20 -19.54
N LYS B 156 -0.94 0.97 -19.36
CA LYS B 156 0.48 1.12 -19.60
C LYS B 156 1.22 0.24 -18.58
N LYS B 157 2.32 -0.41 -19.02
CA LYS B 157 3.14 -1.27 -18.18
C LYS B 157 3.75 -0.34 -17.14
N GLY B 158 3.25 -0.46 -15.92
CA GLY B 158 3.61 0.42 -14.81
C GLY B 158 2.41 0.70 -13.95
N LYS B 159 1.19 0.68 -14.55
CA LYS B 159 -0.06 0.86 -13.82
C LYS B 159 -0.24 -0.33 -12.87
N GLU B 160 -0.58 -0.02 -11.61
CA GLU B 160 -0.86 -1.04 -10.58
C GLU B 160 -2.29 -1.48 -10.85
N THR B 161 -2.45 -2.62 -11.54
CA THR B 161 -3.76 -3.12 -11.97
C THR B 161 -3.71 -4.63 -12.23
N GLN B 162 -4.83 -5.28 -12.03
CA GLN B 162 -4.95 -6.71 -12.27
C GLN B 162 -5.28 -6.99 -13.74
N TYR B 163 -5.69 -5.97 -14.50
CA TYR B 163 -6.16 -6.16 -15.86
C TYR B 163 -5.10 -6.00 -16.92
N SER B 164 -5.19 -6.86 -17.93
CA SER B 164 -4.30 -6.80 -19.11
C SER B 164 -4.88 -5.86 -20.17
N ARG B 165 -6.21 -5.80 -20.27
CA ARG B 165 -6.87 -5.01 -21.32
C ARG B 165 -8.36 -4.98 -21.06
N GLN B 166 -9.01 -3.89 -21.52
CA GLN B 166 -10.44 -3.68 -21.33
C GLN B 166 -11.09 -3.24 -22.66
N VAL B 167 -12.17 -3.95 -23.06
CA VAL B 167 -12.96 -3.67 -24.28
C VAL B 167 -14.20 -2.91 -23.83
N GLN B 168 -14.34 -1.67 -24.30
CA GLN B 168 -15.43 -0.78 -23.90
C GLN B 168 -16.36 -0.43 -25.05
N TRP B 169 -17.67 -0.56 -24.83
CA TRP B 169 -18.72 -0.15 -25.76
C TRP B 169 -19.18 1.20 -25.25
N VAL B 170 -18.82 2.24 -26.00
CA VAL B 170 -19.05 3.65 -25.63
C VAL B 170 -20.22 4.24 -26.44
N ARG B 171 -21.29 4.67 -25.74
CA ARG B 171 -22.48 5.29 -26.36
C ARG B 171 -22.07 6.50 -27.20
N LYS B 172 -22.48 6.54 -28.47
CA LYS B 172 -22.16 7.67 -29.34
C LYS B 172 -22.95 8.94 -28.90
N ASP B 173 -24.16 8.76 -28.35
CA ASP B 173 -25.04 9.85 -27.93
C ASP B 173 -24.53 10.60 -26.69
N THR B 174 -24.06 9.88 -25.66
CA THR B 174 -23.68 10.52 -24.39
C THR B 174 -22.21 10.43 -24.05
N LEU B 175 -21.46 9.56 -24.73
CA LEU B 175 -20.03 9.30 -24.53
C LEU B 175 -19.78 8.57 -23.21
N LEU B 176 -20.86 8.00 -22.60
CA LEU B 176 -20.78 7.16 -21.40
C LEU B 176 -20.68 5.74 -21.84
N ARG B 177 -20.08 4.86 -21.01
CA ARG B 177 -20.00 3.45 -21.36
C ARG B 177 -21.37 2.83 -21.28
N LEU B 178 -21.61 1.82 -22.13
CA LEU B 178 -22.81 1.01 -22.14
C LEU B 178 -22.44 -0.34 -21.54
N ARG B 179 -21.27 -0.87 -21.97
CA ARG B 179 -20.71 -2.14 -21.53
C ARG B 179 -19.20 -2.07 -21.47
N ALA B 180 -18.60 -3.00 -20.74
CA ALA B 180 -17.17 -3.22 -20.77
C ALA B 180 -16.83 -4.64 -20.35
N ASP B 181 -15.84 -5.25 -21.01
CA ASP B 181 -15.28 -6.57 -20.72
C ASP B 181 -13.87 -6.36 -20.23
N TYR B 182 -13.54 -6.92 -19.06
CA TYR B 182 -12.22 -6.79 -18.42
C TYR B 182 -11.49 -8.10 -18.48
N TYR B 183 -10.20 -8.05 -18.86
CA TYR B 183 -9.36 -9.22 -19.03
C TYR B 183 -8.23 -9.23 -18.04
N ASP B 184 -7.94 -10.41 -17.45
CA ASP B 184 -6.89 -10.57 -16.45
C ASP B 184 -5.51 -10.75 -17.14
N LYS B 185 -4.43 -10.90 -16.34
CA LYS B 185 -3.06 -11.04 -16.84
C LYS B 185 -2.84 -12.34 -17.63
N LYS B 186 -3.74 -13.33 -17.54
CA LYS B 186 -3.66 -14.61 -18.28
C LYS B 186 -4.61 -14.56 -19.50
N ASP B 187 -5.06 -13.33 -19.88
CA ASP B 187 -5.94 -13.00 -21.02
C ASP B 187 -7.35 -13.57 -20.86
N ARG B 188 -7.69 -14.00 -19.63
CA ARG B 188 -9.01 -14.56 -19.35
C ARG B 188 -10.02 -13.46 -19.07
N LEU B 189 -11.27 -13.65 -19.51
CA LEU B 189 -12.35 -12.71 -19.21
C LEU B 189 -12.62 -12.78 -17.69
N VAL B 190 -12.32 -11.70 -16.97
CA VAL B 190 -12.47 -11.70 -15.51
C VAL B 190 -13.74 -10.92 -15.06
N LYS B 191 -14.13 -9.85 -15.77
CA LYS B 191 -15.30 -9.08 -15.35
C LYS B 191 -16.10 -8.59 -16.54
N LYS B 192 -17.44 -8.58 -16.38
CA LYS B 192 -18.37 -8.03 -17.36
C LYS B 192 -19.12 -6.90 -16.69
N LEU B 193 -19.04 -5.71 -17.30
CA LEU B 193 -19.69 -4.50 -16.78
C LEU B 193 -20.83 -4.08 -17.67
N PHE B 194 -21.96 -3.78 -17.03
CA PHE B 194 -23.16 -3.31 -17.72
C PHE B 194 -23.56 -1.99 -17.07
N PHE B 195 -23.56 -0.92 -17.86
CA PHE B 195 -23.95 0.42 -17.43
C PHE B 195 -25.38 0.52 -17.93
N SER B 196 -26.29 -0.02 -17.14
CA SER B 196 -27.69 -0.25 -17.48
C SER B 196 -28.65 0.94 -17.30
N ARG B 197 -28.20 2.10 -16.80
CA ARG B 197 -29.06 3.29 -16.68
C ARG B 197 -28.18 4.56 -16.65
N GLN B 198 -28.62 5.62 -17.37
CA GLN B 198 -27.93 6.90 -17.42
C GLN B 198 -28.94 8.00 -17.31
N GLU B 199 -28.52 9.13 -16.73
CA GLU B 199 -29.40 10.27 -16.51
CA GLU B 199 -29.40 10.27 -16.51
C GLU B 199 -28.61 11.56 -16.66
N LYS B 200 -29.25 12.59 -17.21
CA LYS B 200 -28.59 13.87 -17.33
C LYS B 200 -28.86 14.63 -16.05
N ILE B 201 -27.86 14.73 -15.18
CA ILE B 201 -27.99 15.41 -13.89
C ILE B 201 -27.19 16.71 -13.92
N ASP B 202 -27.84 17.86 -13.68
CA ASP B 202 -27.25 19.20 -13.68
C ASP B 202 -26.41 19.41 -14.97
N GLY B 203 -26.96 18.95 -16.10
CA GLY B 203 -26.33 19.07 -17.41
C GLY B 203 -25.25 18.05 -17.76
N ILE B 204 -25.03 17.05 -16.88
CA ILE B 204 -23.96 16.06 -17.06
C ILE B 204 -24.53 14.63 -17.18
N TRP B 205 -24.27 13.95 -18.31
CA TRP B 205 -24.70 12.56 -18.51
C TRP B 205 -23.91 11.71 -17.51
N THR B 206 -24.65 11.00 -16.62
CA THR B 206 -24.17 10.26 -15.48
C THR B 206 -24.78 8.87 -15.43
N VAL B 207 -23.93 7.86 -15.19
CA VAL B 207 -24.35 6.46 -15.01
C VAL B 207 -25.01 6.37 -13.64
N THR B 208 -26.23 5.81 -13.56
CA THR B 208 -26.92 5.72 -12.27
C THR B 208 -27.26 4.28 -11.89
N GLN B 209 -26.83 3.31 -12.72
CA GLN B 209 -27.06 1.89 -12.40
C GLN B 209 -26.05 1.04 -13.10
N ARG B 211 -24.25 -3.17 -13.36
CA ARG B 211 -24.19 -4.58 -13.03
C ARG B 211 -22.77 -5.01 -13.32
N VAL B 212 -22.12 -5.63 -12.33
CA VAL B 212 -20.76 -6.12 -12.47
C VAL B 212 -20.78 -7.63 -12.24
N GLU B 213 -20.36 -8.41 -13.24
CA GLU B 213 -20.35 -9.87 -13.17
C GLU B 213 -18.92 -10.40 -13.17
N ARG B 214 -18.65 -11.41 -12.34
CA ARG B 214 -17.36 -12.09 -12.31
C ARG B 214 -17.65 -13.50 -12.73
N PRO B 215 -17.54 -13.80 -14.06
CA PRO B 215 -17.93 -15.14 -14.56
C PRO B 215 -17.15 -16.32 -13.93
N ARG B 216 -15.91 -16.10 -13.44
CA ARG B 216 -15.10 -17.16 -12.84
C ARG B 216 -15.47 -17.38 -11.36
N GLU B 217 -16.16 -16.42 -10.72
CA GLU B 217 -16.57 -16.52 -9.31
C GLU B 217 -18.04 -16.94 -9.17
N GLY B 218 -18.80 -16.83 -10.25
CA GLY B 218 -20.23 -17.13 -10.24
C GLY B 218 -20.97 -16.15 -9.36
N SER B 219 -20.61 -14.86 -9.50
CA SER B 219 -21.21 -13.80 -8.72
C SER B 219 -21.49 -12.57 -9.55
N PHE B 220 -22.42 -11.72 -9.08
CA PHE B 220 -22.71 -10.45 -9.72
C PHE B 220 -23.15 -9.45 -8.67
N THR B 221 -22.84 -8.17 -8.92
CA THR B 221 -23.15 -7.03 -8.06
C THR B 221 -23.97 -6.04 -8.87
N VAL B 222 -25.03 -5.50 -8.26
CA VAL B 222 -25.86 -4.49 -8.88
C VAL B 222 -25.76 -3.28 -8.01
N ILE B 223 -25.45 -2.15 -8.61
CA ILE B 223 -25.42 -0.90 -7.85
C ILE B 223 -26.43 0.07 -8.44
N ASP B 224 -27.20 0.73 -7.58
CA ASP B 224 -28.17 1.74 -7.96
C ASP B 224 -27.85 3.04 -7.28
N TRP B 225 -27.61 4.11 -8.04
CA TRP B 225 -27.34 5.43 -7.49
C TRP B 225 -28.60 6.30 -7.52
N SER B 226 -28.81 7.09 -6.46
CA SER B 226 -29.91 8.04 -6.36
C SER B 226 -29.41 9.34 -5.69
N ASN B 227 -30.20 10.44 -5.82
CA ASN B 227 -29.97 11.76 -5.20
C ASN B 227 -28.56 12.33 -5.53
N LEU B 228 -28.16 12.08 -6.77
CA LEU B 228 -26.89 12.51 -7.33
CA LEU B 228 -26.88 12.53 -7.30
C LEU B 228 -26.91 14.03 -7.54
N ARG B 229 -25.84 14.74 -7.13
CA ARG B 229 -25.77 16.20 -7.29
C ARG B 229 -24.36 16.63 -7.62
N TYR B 230 -24.20 17.66 -8.48
CA TYR B 230 -22.89 18.20 -8.81
C TYR B 230 -22.74 19.58 -8.29
N ASP B 231 -21.50 19.97 -7.98
CA ASP B 231 -21.10 21.31 -7.51
C ASP B 231 -22.01 21.80 -6.36
N VAL B 232 -21.99 21.04 -5.26
CA VAL B 232 -22.78 21.32 -4.06
C VAL B 232 -22.00 22.20 -3.09
N GLY B 233 -20.71 22.36 -3.33
CA GLY B 233 -19.82 23.14 -2.47
C GLY B 233 -19.31 22.34 -1.30
N LEU B 234 -18.75 21.16 -1.58
CA LEU B 234 -18.20 20.27 -0.55
C LEU B 234 -16.94 20.87 0.08
N SER B 235 -16.83 20.84 1.42
CA SER B 235 -15.65 21.33 2.12
C SER B 235 -14.50 20.32 1.91
N ASP B 236 -13.25 20.76 2.12
CA ASP B 236 -12.07 19.90 1.97
C ASP B 236 -11.97 18.88 3.12
N ALA B 237 -12.72 19.12 4.23
CA ALA B 237 -12.78 18.31 5.45
C ALA B 237 -13.11 16.84 5.19
N TYR B 238 -14.00 16.56 4.21
CA TYR B 238 -14.40 15.20 3.85
C TYR B 238 -13.25 14.38 3.29
N PHE B 239 -12.22 15.05 2.73
CA PHE B 239 -11.11 14.42 2.02
C PHE B 239 -9.78 14.45 2.78
N GLU B 240 -9.81 14.84 4.07
CA GLU B 240 -8.62 14.79 4.93
C GLU B 240 -8.53 13.43 5.59
N HIS B 241 -7.30 12.94 5.85
CA HIS B 241 -7.08 11.65 6.51
C HIS B 241 -7.85 11.59 7.87
N SER B 242 -8.11 12.77 8.46
CA SER B 242 -8.87 12.98 9.70
C SER B 242 -10.38 12.66 9.54
N ALA B 243 -10.90 12.61 8.30
CA ALA B 243 -12.32 12.26 8.05
C ALA B 243 -12.59 10.77 8.34
N LEU B 244 -11.51 9.99 8.43
CA LEU B 244 -11.56 8.56 8.70
C LEU B 244 -11.81 8.28 10.19
N GLN B 245 -10.88 8.64 11.11
CA GLN B 245 -11.09 8.41 12.54
C GLN B 245 -11.72 9.63 13.21
#